data_7B84
#
_entry.id   7B84
#
_cell.length_a   60.044
_cell.length_b   73.143
_cell.length_c   78.492
_cell.angle_alpha   90.000
_cell.angle_beta   90.000
_cell.angle_gamma   90.000
#
_symmetry.space_group_name_H-M   'P 21 21 21'
#
loop_
_entity.id
_entity.type
_entity.pdbx_description
1 polymer 'Palmitoleoyl-protein carboxylesterase NOTUM'
2 non-polymer 'SULFATE ION'
3 non-polymer 2-acetamido-2-deoxy-beta-D-glucopyranose
4 non-polymer 1,2-ETHANEDIOL
5 non-polymer [4-(1H-benzimidazol-1-yl)phenyl]methanol
6 non-polymer 'DIMETHYL SULFOXIDE'
7 water water
#
_entity_poly.entity_id   1
_entity_poly.type   'polypeptide(L)'
_entity_poly.pdbx_seq_one_letter_code
;ETGSAQQLNEDLRLHLLLNTSVTCNDGSPAGYYLKESRGSRRWLLFLEGGWYCFNRENCDSRYDTMRRLMSSRDWPRTRT
GTGILSSQPEENPYWWNANMVFIPYCSSDVWSGASSKSEKNEYAFMGALIIQEVVRELLGRGLSGAKVLLLAGSSAGGTG
VLLNVDRVAEQLEKLGYPAIQVRGLADSGWFLDNKQYRHTDCVDTITCAPTEAIRRGIRYWNGVVPERCRRQFQEGEEWN
CFFGYKVYPTLRSPVFVVQWLFDEAQLTVDNVHLTGQPVQEGLRLYIQNLGRELRHTLKDVPASFAPACLSHEIIIRSHW
TDVQVKGTSLPRALHCWDRSLHDSHKASKTPLKGCPVHLVDSCPWPHCNPSCPTGTKHHHHHH
;
_entity_poly.pdbx_strand_id   A
#
loop_
_chem_comp.id
_chem_comp.type
_chem_comp.name
_chem_comp.formula
DMS non-polymer 'DIMETHYL SULFOXIDE' 'C2 H6 O S'
EDO non-polymer 1,2-ETHANEDIOL 'C2 H6 O2'
JFS non-polymer [4-(1H-benzimidazol-1-yl)phenyl]methanol 'C14 H12 N2 O'
NAG D-saccharide, beta linking 2-acetamido-2-deoxy-beta-D-glucopyranose 'C8 H15 N O6'
SO4 non-polymer 'SULFATE ION' 'O4 S -2'
#
# COMPACT_ATOMS: atom_id res chain seq x y z
N ASP A 11 -13.32 -12.74 -13.59
CA ASP A 11 -13.70 -12.27 -12.27
C ASP A 11 -12.96 -12.99 -11.14
N LEU A 12 -12.76 -12.27 -10.04
CA LEU A 12 -12.25 -12.83 -8.80
C LEU A 12 -13.43 -13.12 -7.88
N ARG A 13 -13.38 -14.27 -7.21
CA ARG A 13 -14.53 -14.78 -6.45
C ARG A 13 -14.28 -14.66 -4.96
N LEU A 14 -15.32 -14.25 -4.22
CA LEU A 14 -15.21 -14.00 -2.79
C LEU A 14 -15.10 -15.29 -1.99
N HIS A 15 -14.21 -15.28 -1.00
CA HIS A 15 -14.11 -16.31 0.03
C HIS A 15 -14.06 -15.62 1.38
N LEU A 16 -15.06 -15.86 2.22
CA LEU A 16 -15.00 -15.37 3.59
C LEU A 16 -14.10 -16.29 4.41
N LEU A 17 -13.36 -15.70 5.35
CA LEU A 17 -12.40 -16.47 6.13
C LEU A 17 -13.09 -17.57 6.92
N LEU A 18 -12.47 -18.76 6.90
CA LEU A 18 -13.00 -19.89 7.65
C LEU A 18 -12.85 -19.69 9.15
N ASN A 19 -11.80 -18.99 9.57
CA ASN A 19 -11.67 -18.54 10.95
C ASN A 19 -12.50 -17.28 11.11
N THR A 20 -13.72 -17.43 11.61
CA THR A 20 -14.64 -16.30 11.72
C THR A 20 -14.34 -15.38 12.90
N SER A 21 -13.29 -15.66 13.68
CA SER A 21 -12.85 -14.75 14.73
CA SER A 21 -12.85 -14.75 14.72
C SER A 21 -11.92 -13.65 14.20
N VAL A 22 -11.51 -13.73 12.95
CA VAL A 22 -10.73 -12.69 12.30
C VAL A 22 -11.71 -11.85 11.50
N THR A 23 -11.99 -10.63 11.97
CA THR A 23 -13.19 -9.92 11.58
C THR A 23 -12.88 -8.51 11.06
N CYS A 24 -13.85 -7.99 10.30
CA CYS A 24 -13.93 -6.58 9.99
C CYS A 24 -14.33 -5.80 11.25
N ASN A 25 -14.46 -4.48 11.09
CA ASN A 25 -14.68 -3.59 12.24
C ASN A 25 -15.89 -4.02 13.07
N ASP A 26 -16.97 -4.43 12.44
CA ASP A 26 -18.23 -4.70 13.13
C ASP A 26 -18.39 -6.15 13.57
N GLY A 27 -17.37 -6.99 13.41
CA GLY A 27 -17.44 -8.38 13.81
C GLY A 27 -17.84 -9.35 12.72
N SER A 28 -18.23 -8.86 11.54
CA SER A 28 -18.48 -9.73 10.41
C SER A 28 -17.16 -10.32 9.91
N PRO A 29 -17.20 -11.47 9.25
CA PRO A 29 -15.94 -12.09 8.80
C PRO A 29 -15.24 -11.27 7.73
N ALA A 30 -13.91 -11.23 7.81
CA ALA A 30 -13.10 -10.69 6.73
C ALA A 30 -13.01 -11.73 5.61
N GLY A 31 -12.30 -11.40 4.54
CA GLY A 31 -12.24 -12.31 3.42
C GLY A 31 -11.27 -11.87 2.35
N TYR A 32 -11.38 -12.51 1.18
CA TYR A 32 -10.51 -12.21 0.05
C TYR A 32 -11.21 -12.65 -1.24
N TYR A 33 -10.83 -12.02 -2.34
CA TYR A 33 -11.29 -12.40 -3.68
C TYR A 33 -10.14 -13.05 -4.43
N LEU A 34 -10.41 -14.17 -5.11
CA LEU A 34 -9.36 -15.00 -5.69
C LEU A 34 -9.70 -15.44 -7.10
N LYS A 35 -8.70 -15.37 -7.99
CA LYS A 35 -8.76 -15.99 -9.32
C LYS A 35 -7.48 -16.80 -9.49
N GLU A 36 -7.63 -18.12 -9.56
CA GLU A 36 -6.48 -19.01 -9.66
C GLU A 36 -5.98 -19.07 -11.10
N SER A 37 -4.68 -19.30 -11.24
CA SER A 37 -4.03 -19.56 -12.53
C SER A 37 -3.15 -20.79 -12.30
N ARG A 38 -3.70 -21.97 -12.61
CA ARG A 38 -3.03 -23.22 -12.25
C ARG A 38 -1.66 -23.33 -12.89
N GLY A 39 -1.43 -22.68 -14.03
CA GLY A 39 -0.16 -22.78 -14.69
C GLY A 39 0.94 -21.89 -14.14
N SER A 40 0.71 -21.19 -13.02
CA SER A 40 1.64 -20.18 -12.55
C SER A 40 2.02 -20.42 -11.09
N ARG A 41 3.28 -20.12 -10.77
CA ARG A 41 3.79 -20.20 -9.41
C ARG A 41 3.98 -18.80 -8.80
N ARG A 42 3.39 -17.78 -9.40
CA ARG A 42 3.42 -16.40 -8.93
C ARG A 42 2.08 -16.02 -8.32
N TRP A 43 2.12 -15.36 -7.17
CA TRP A 43 0.93 -14.99 -6.42
C TRP A 43 1.00 -13.51 -6.05
N LEU A 44 -0.09 -12.77 -6.31
CA LEU A 44 -0.06 -11.33 -6.16
C LEU A 44 -1.17 -11.10 -5.13
N LEU A 45 -0.84 -10.54 -3.96
CA LEU A 45 -1.83 -10.23 -2.93
C LEU A 45 -1.92 -8.73 -2.75
N PHE A 46 -3.08 -8.14 -3.08
CA PHE A 46 -3.27 -6.70 -3.12
C PHE A 46 -4.10 -6.20 -1.94
N LEU A 47 -3.60 -5.15 -1.27
CA LEU A 47 -4.26 -4.54 -0.12
C LEU A 47 -4.95 -3.25 -0.55
N GLU A 48 -6.27 -3.20 -0.36
CA GLU A 48 -7.07 -2.00 -0.65
C GLU A 48 -6.77 -0.90 0.38
N GLY A 49 -7.01 0.34 -0.04
CA GLY A 49 -6.88 1.49 0.83
C GLY A 49 -8.21 2.19 1.08
N GLY A 50 -8.11 3.34 1.76
CA GLY A 50 -9.29 4.15 2.04
C GLY A 50 -9.30 4.86 3.38
N TRP A 51 -8.26 5.64 3.65
CA TRP A 51 -8.07 6.37 4.91
C TRP A 51 -8.20 5.46 6.13
N TYR A 52 -8.76 5.95 7.22
CA TYR A 52 -8.87 5.20 8.47
C TYR A 52 -9.77 5.98 9.42
N CYS A 53 -10.03 5.40 10.60
CA CYS A 53 -10.68 6.15 11.69
C CYS A 53 -9.92 5.91 12.99
N PHE A 54 -10.06 6.85 13.93
CA PHE A 54 -9.18 6.84 15.09
C PHE A 54 -9.84 7.11 16.45
N ASN A 55 -11.16 7.19 16.52
CA ASN A 55 -11.88 7.27 17.78
C ASN A 55 -13.32 6.82 17.57
N ARG A 56 -14.06 6.69 18.67
CA ARG A 56 -15.43 6.18 18.57
C ARG A 56 -16.29 7.02 17.65
N GLU A 57 -16.19 8.35 17.77
CA GLU A 57 -17.10 9.23 17.05
C GLU A 57 -16.83 9.29 15.55
N ASN A 58 -15.56 9.37 15.13
CA ASN A 58 -15.32 9.34 13.69
C ASN A 58 -15.40 7.95 13.09
N CYS A 59 -15.25 6.89 13.89
CA CYS A 59 -15.55 5.54 13.39
C CYS A 59 -17.05 5.34 13.20
N ASP A 60 -17.87 5.88 14.12
CA ASP A 60 -19.32 5.82 13.93
C ASP A 60 -19.75 6.51 12.65
N SER A 61 -19.15 7.67 12.35
N SER A 61 -19.14 7.65 12.32
CA SER A 61 -19.43 8.38 11.11
CA SER A 61 -19.52 8.33 11.08
C SER A 61 -19.10 7.52 9.91
C SER A 61 -19.09 7.54 9.85
N ARG A 62 -17.91 6.90 9.91
CA ARG A 62 -17.49 6.04 8.81
C ARG A 62 -18.45 4.86 8.64
N TYR A 63 -19.01 4.35 9.74
CA TYR A 63 -19.95 3.22 9.65
C TYR A 63 -21.24 3.59 8.90
N ASP A 64 -21.63 4.86 8.92
CA ASP A 64 -22.89 5.22 8.27
C ASP A 64 -22.74 5.47 6.78
N THR A 65 -21.61 5.99 6.32
CA THR A 65 -21.46 6.37 4.93
C THR A 65 -20.27 5.73 4.20
N MET A 66 -19.52 4.85 4.87
CA MET A 66 -18.44 4.09 4.24
C MET A 66 -18.42 2.67 4.79
N ARG A 67 -19.60 2.05 4.85
CA ARG A 67 -19.76 0.80 5.60
C ARG A 67 -19.01 -0.37 4.96
N ARG A 68 -18.87 -0.38 3.64
CA ARG A 68 -18.13 -1.46 2.99
C ARG A 68 -16.67 -1.52 3.46
N LEU A 69 -16.16 -0.43 4.01
CA LEU A 69 -14.82 -0.39 4.60
C LEU A 69 -14.81 -0.76 6.08
N MET A 70 -15.94 -1.25 6.61
CA MET A 70 -16.05 -1.63 8.02
C MET A 70 -16.82 -2.93 8.21
N SER A 71 -17.21 -3.64 7.15
CA SER A 71 -18.16 -4.76 7.24
C SER A 71 -18.18 -5.55 5.93
N SER A 72 -18.51 -6.85 6.02
CA SER A 72 -18.59 -7.74 4.85
C SER A 72 -19.99 -8.10 4.44
N ARG A 73 -20.88 -8.06 5.44
CA ARG A 73 -22.15 -7.42 5.39
C ARG A 73 -22.69 -7.17 4.04
N ASP A 74 -22.22 -6.26 3.18
CA ASP A 74 -22.84 -6.06 1.86
C ASP A 74 -21.88 -6.29 0.68
N TRP A 75 -20.82 -7.07 0.84
CA TRP A 75 -19.88 -7.34 -0.23
C TRP A 75 -20.51 -8.17 -1.35
N PRO A 76 -20.13 -7.92 -2.60
CA PRO A 76 -20.63 -8.74 -3.71
C PRO A 76 -19.86 -10.05 -3.85
N ARG A 77 -20.48 -10.97 -4.61
CA ARG A 77 -19.94 -12.30 -4.80
C ARG A 77 -18.65 -12.28 -5.62
N THR A 78 -18.51 -11.30 -6.51
CA THR A 78 -17.37 -11.23 -7.42
C THR A 78 -16.88 -9.79 -7.56
N ARG A 79 -15.65 -9.65 -8.04
CA ARG A 79 -15.06 -8.38 -8.44
C ARG A 79 -14.27 -8.58 -9.73
N THR A 80 -14.17 -7.51 -10.52
CA THR A 80 -13.36 -7.52 -11.73
C THR A 80 -11.94 -7.08 -11.42
N GLY A 81 -10.96 -7.87 -11.86
CA GLY A 81 -9.56 -7.50 -11.70
C GLY A 81 -9.15 -6.47 -12.74
N THR A 82 -8.56 -5.38 -12.28
CA THR A 82 -8.16 -4.28 -13.14
C THR A 82 -6.70 -3.91 -12.88
N GLY A 83 -6.07 -3.33 -13.90
CA GLY A 83 -4.69 -2.90 -13.77
C GLY A 83 -3.77 -4.09 -13.56
N ILE A 84 -2.95 -4.00 -12.50
CA ILE A 84 -2.05 -5.09 -12.13
C ILE A 84 -2.79 -6.36 -11.74
N LEU A 85 -4.08 -6.26 -11.43
CA LEU A 85 -4.90 -7.43 -11.15
C LEU A 85 -5.62 -7.96 -12.37
N SER A 86 -5.41 -7.37 -13.54
CA SER A 86 -6.05 -7.88 -14.75
C SER A 86 -5.30 -9.10 -15.26
N SER A 87 -6.06 -10.07 -15.76
CA SER A 87 -5.50 -11.24 -16.40
C SER A 87 -5.31 -11.03 -17.90
N GLN A 88 -5.43 -9.80 -18.38
CA GLN A 88 -5.37 -9.68 -19.81
C GLN A 88 -4.03 -9.07 -20.17
N PRO A 89 -3.24 -9.65 -21.06
CA PRO A 89 -1.92 -9.07 -21.32
C PRO A 89 -1.96 -7.65 -21.88
N GLU A 90 -3.01 -7.29 -22.61
CA GLU A 90 -3.12 -5.92 -23.13
C GLU A 90 -3.22 -4.90 -22.00
N GLU A 91 -3.90 -5.26 -20.90
CA GLU A 91 -4.06 -4.36 -19.76
C GLU A 91 -2.96 -4.52 -18.73
N ASN A 92 -2.34 -5.70 -18.64
CA ASN A 92 -1.35 -6.01 -17.60
C ASN A 92 -0.15 -6.69 -18.27
N PRO A 93 0.78 -5.90 -18.80
CA PRO A 93 1.98 -6.50 -19.41
C PRO A 93 2.88 -7.22 -18.41
N TYR A 94 2.75 -6.91 -17.12
CA TYR A 94 3.67 -7.41 -16.11
C TYR A 94 3.36 -8.84 -15.68
N TRP A 95 2.20 -9.06 -15.06
CA TRP A 95 1.91 -10.32 -14.39
C TRP A 95 0.53 -10.87 -14.76
N TRP A 96 0.15 -10.80 -16.05
CA TRP A 96 -1.19 -11.20 -16.46
C TRP A 96 -1.52 -12.67 -16.16
N ASN A 97 -0.52 -13.54 -16.07
CA ASN A 97 -0.79 -14.96 -15.83
C ASN A 97 -0.71 -15.37 -14.36
N ALA A 98 -0.60 -14.41 -13.45
CA ALA A 98 -0.41 -14.75 -12.05
C ALA A 98 -1.72 -15.15 -11.38
N ASN A 99 -1.60 -15.81 -10.23
CA ASN A 99 -2.72 -15.98 -9.33
C ASN A 99 -3.02 -14.64 -8.66
N MET A 100 -4.28 -14.19 -8.76
CA MET A 100 -4.70 -12.85 -8.32
C MET A 100 -5.53 -12.92 -7.04
N VAL A 101 -5.20 -12.06 -6.07
CA VAL A 101 -5.92 -11.97 -4.81
C VAL A 101 -6.12 -10.49 -4.45
N PHE A 102 -7.38 -10.11 -4.21
CA PHE A 102 -7.75 -8.77 -3.73
C PHE A 102 -8.28 -8.93 -2.31
N ILE A 103 -7.63 -8.27 -1.35
CA ILE A 103 -8.02 -8.33 0.06
C ILE A 103 -8.73 -7.02 0.41
N PRO A 104 -10.05 -7.03 0.59
CA PRO A 104 -10.75 -5.80 0.96
C PRO A 104 -10.30 -5.23 2.30
N TYR A 105 -10.29 -3.91 2.38
CA TYR A 105 -9.87 -3.15 3.55
C TYR A 105 -11.11 -2.88 4.39
N CYS A 106 -11.28 -3.63 5.48
CA CYS A 106 -12.45 -3.48 6.35
C CYS A 106 -12.07 -3.33 7.81
N SER A 107 -10.84 -2.88 8.09
CA SER A 107 -10.36 -2.73 9.46
C SER A 107 -10.02 -1.31 9.87
N SER A 108 -9.95 -0.36 8.93
CA SER A 108 -9.84 1.07 9.23
C SER A 108 -8.64 1.42 10.09
N ASP A 109 -7.54 0.66 9.95
CA ASP A 109 -6.40 0.74 10.85
C ASP A 109 -5.06 0.78 10.10
N VAL A 110 -5.09 1.08 8.81
CA VAL A 110 -3.91 1.15 7.94
C VAL A 110 -3.23 -0.23 8.00
N TRP A 111 -4.04 -1.28 8.17
CA TRP A 111 -3.55 -2.67 8.18
C TRP A 111 -2.61 -2.98 9.34
N SER A 112 -2.75 -2.27 10.47
CA SER A 112 -1.81 -2.41 11.58
C SER A 112 -2.40 -3.05 12.83
N GLY A 113 -3.72 -3.26 12.90
CA GLY A 113 -4.37 -3.60 14.14
C GLY A 113 -4.33 -5.07 14.53
N ALA A 114 -4.39 -5.32 15.83
CA ALA A 114 -4.45 -6.67 16.39
C ALA A 114 -5.32 -6.66 17.65
N SER A 115 -6.58 -6.23 17.51
N SER A 115 -6.56 -6.18 17.52
CA SER A 115 -7.48 -6.04 18.65
CA SER A 115 -7.47 -6.11 18.65
C SER A 115 -8.90 -6.45 18.27
C SER A 115 -8.84 -6.57 18.20
N SER A 116 -9.49 -7.35 19.06
CA SER A 116 -10.82 -7.90 18.79
C SER A 116 -11.90 -7.01 19.41
N LYS A 117 -13.13 -7.19 18.94
CA LYS A 117 -14.29 -6.69 19.67
C LYS A 117 -14.34 -7.33 21.04
N SER A 118 -14.77 -6.56 22.04
CA SER A 118 -14.83 -7.09 23.40
C SER A 118 -15.75 -6.22 24.22
N GLU A 119 -15.83 -6.53 25.52
CA GLU A 119 -16.65 -5.75 26.43
C GLU A 119 -16.18 -4.31 26.46
N LYS A 120 -14.87 -4.11 26.30
CA LYS A 120 -14.23 -2.80 26.24
C LYS A 120 -14.25 -2.16 24.86
N ASN A 121 -14.34 -2.93 23.77
CA ASN A 121 -14.11 -2.37 22.45
C ASN A 121 -15.37 -2.48 21.58
N GLU A 122 -15.89 -1.32 21.15
CA GLU A 122 -17.03 -1.30 20.23
C GLU A 122 -16.66 -1.90 18.88
N TYR A 123 -15.43 -1.69 18.42
CA TYR A 123 -15.01 -2.14 17.10
C TYR A 123 -13.77 -3.01 17.21
N ALA A 124 -13.61 -3.90 16.22
CA ALA A 124 -12.40 -4.72 16.09
C ALA A 124 -11.49 -4.09 15.05
N PHE A 125 -10.19 -4.08 15.34
CA PHE A 125 -9.17 -3.56 14.42
C PHE A 125 -8.13 -4.66 14.24
N MET A 126 -8.25 -5.43 13.14
CA MET A 126 -7.53 -6.69 12.99
C MET A 126 -6.76 -6.78 11.68
N GLY A 127 -6.35 -5.63 11.12
CA GLY A 127 -5.75 -5.62 9.79
C GLY A 127 -4.52 -6.50 9.65
N ALA A 128 -3.62 -6.45 10.65
CA ALA A 128 -2.43 -7.27 10.59
C ALA A 128 -2.77 -8.75 10.65
N LEU A 129 -3.80 -9.12 11.42
CA LEU A 129 -4.21 -10.51 11.52
C LEU A 129 -5.00 -10.97 10.30
N ILE A 130 -5.76 -10.07 9.65
CA ILE A 130 -6.42 -10.43 8.40
C ILE A 130 -5.40 -10.89 7.35
N ILE A 131 -4.28 -10.17 7.23
CA ILE A 131 -3.26 -10.56 6.26
C ILE A 131 -2.70 -11.94 6.59
N GLN A 132 -2.39 -12.17 7.87
N GLN A 132 -2.41 -12.21 7.86
CA GLN A 132 -1.91 -13.46 8.36
CA GLN A 132 -1.85 -13.52 8.18
C GLN A 132 -2.85 -14.60 7.98
C GLN A 132 -2.85 -14.65 7.98
N GLU A 133 -4.15 -14.40 8.23
CA GLU A 133 -5.15 -15.45 8.02
C GLU A 133 -5.40 -15.72 6.55
N VAL A 134 -5.40 -14.67 5.71
CA VAL A 134 -5.52 -14.88 4.27
C VAL A 134 -4.38 -15.76 3.77
N VAL A 135 -3.16 -15.45 4.20
CA VAL A 135 -1.99 -16.22 3.78
C VAL A 135 -2.11 -17.67 4.23
N ARG A 136 -2.48 -17.88 5.50
CA ARG A 136 -2.61 -19.23 6.02
C ARG A 136 -3.62 -20.06 5.23
N GLU A 137 -4.78 -19.46 4.91
CA GLU A 137 -5.82 -20.21 4.22
C GLU A 137 -5.49 -20.43 2.74
N LEU A 138 -4.72 -19.52 2.13
CA LEU A 138 -4.31 -19.70 0.74
C LEU A 138 -3.31 -20.83 0.58
N LEU A 139 -2.53 -21.13 1.62
CA LEU A 139 -1.53 -22.20 1.51
C LEU A 139 -2.17 -23.55 1.17
N GLY A 140 -3.41 -23.77 1.60
CA GLY A 140 -4.13 -24.97 1.22
C GLY A 140 -4.78 -24.91 -0.14
N ARG A 141 -4.74 -23.75 -0.80
CA ARG A 141 -5.38 -23.55 -2.10
C ARG A 141 -4.36 -23.35 -3.21
N GLY A 142 -3.11 -23.74 -2.99
CA GLY A 142 -2.07 -23.68 -4.01
C GLY A 142 -0.90 -22.78 -3.68
N LEU A 143 -1.04 -21.88 -2.69
CA LEU A 143 0.08 -21.00 -2.36
C LEU A 143 1.29 -21.78 -1.83
N SER A 144 1.08 -23.01 -1.34
CA SER A 144 2.19 -23.82 -0.86
C SER A 144 3.22 -24.12 -1.94
N GLY A 145 2.84 -24.07 -3.21
CA GLY A 145 3.74 -24.30 -4.31
C GLY A 145 4.30 -23.05 -4.95
N ALA A 146 4.14 -21.89 -4.33
CA ALA A 146 4.54 -20.64 -4.96
C ALA A 146 6.06 -20.51 -5.00
N LYS A 147 6.53 -19.74 -5.99
CA LYS A 147 7.91 -19.30 -6.06
C LYS A 147 8.09 -17.86 -5.60
N VAL A 148 7.10 -17.01 -5.84
CA VAL A 148 7.12 -15.60 -5.44
C VAL A 148 5.75 -15.21 -4.92
N LEU A 149 5.72 -14.55 -3.77
CA LEU A 149 4.53 -13.89 -3.24
C LEU A 149 4.81 -12.39 -3.23
N LEU A 150 4.09 -11.64 -4.07
CA LEU A 150 4.20 -10.19 -4.12
C LEU A 150 3.05 -9.59 -3.33
N LEU A 151 3.36 -8.97 -2.20
CA LEU A 151 2.38 -8.24 -1.40
C LEU A 151 2.34 -6.79 -1.89
N ALA A 152 1.23 -6.39 -2.51
CA ALA A 152 1.08 -5.06 -3.08
C ALA A 152 -0.09 -4.33 -2.41
N GLY A 153 -0.18 -3.03 -2.65
CA GLY A 153 -1.26 -2.24 -2.08
C GLY A 153 -1.15 -0.77 -2.44
N SER A 154 -2.28 -0.07 -2.33
CA SER A 154 -2.40 1.33 -2.71
C SER A 154 -2.93 2.17 -1.56
N SER A 155 -2.37 3.37 -1.39
CA SER A 155 -2.75 4.35 -0.37
CA SER A 155 -2.76 4.34 -0.37
C SER A 155 -2.55 3.72 1.02
N ALA A 156 -3.58 3.61 1.86
CA ALA A 156 -3.41 2.94 3.14
C ALA A 156 -2.90 1.52 2.95
N GLY A 157 -3.24 0.89 1.82
CA GLY A 157 -2.69 -0.41 1.52
C GLY A 157 -1.21 -0.38 1.18
N GLY A 158 -0.74 0.73 0.61
CA GLY A 158 0.68 0.86 0.34
C GLY A 158 1.50 0.99 1.62
N THR A 159 1.02 1.82 2.55
CA THR A 159 1.64 1.86 3.87
C THR A 159 1.52 0.50 4.56
N GLY A 160 0.40 -0.19 4.34
CA GLY A 160 0.23 -1.52 4.90
C GLY A 160 1.26 -2.53 4.41
N VAL A 161 1.69 -2.40 3.15
CA VAL A 161 2.76 -3.25 2.63
C VAL A 161 4.02 -3.05 3.45
N LEU A 162 4.41 -1.79 3.68
CA LEU A 162 5.62 -1.50 4.44
C LEU A 162 5.53 -2.04 5.86
N LEU A 163 4.34 -2.03 6.45
CA LEU A 163 4.17 -2.50 7.83
C LEU A 163 4.13 -4.01 7.95
N ASN A 164 3.78 -4.75 6.89
CA ASN A 164 3.46 -6.16 7.00
C ASN A 164 4.32 -7.11 6.18
N VAL A 165 5.13 -6.62 5.23
CA VAL A 165 5.82 -7.52 4.30
C VAL A 165 6.77 -8.47 5.04
N ASP A 166 7.51 -7.95 6.02
CA ASP A 166 8.45 -8.80 6.75
C ASP A 166 7.74 -9.76 7.68
N ARG A 167 6.54 -9.40 8.15
CA ARG A 167 5.75 -10.31 8.99
C ARG A 167 5.27 -11.51 8.17
N VAL A 168 4.87 -11.28 6.93
CA VAL A 168 4.48 -12.37 6.04
C VAL A 168 5.67 -13.30 5.79
N ALA A 169 6.83 -12.72 5.53
CA ALA A 169 8.03 -13.53 5.31
C ALA A 169 8.35 -14.37 6.54
N GLU A 170 8.25 -13.79 7.73
CA GLU A 170 8.51 -14.53 8.95
C GLU A 170 7.46 -15.63 9.17
N GLN A 171 6.20 -15.33 8.84
CA GLN A 171 5.13 -16.32 9.00
C GLN A 171 5.38 -17.54 8.14
N LEU A 172 5.80 -17.34 6.89
CA LEU A 172 6.02 -18.48 5.99
C LEU A 172 7.25 -19.28 6.40
N GLU A 173 8.29 -18.60 6.88
CA GLU A 173 9.46 -19.29 7.41
C GLU A 173 9.07 -20.19 8.59
N LYS A 174 8.41 -19.61 9.59
CA LYS A 174 7.84 -20.39 10.69
C LYS A 174 6.91 -21.54 10.32
N LEU A 175 6.12 -21.36 9.27
CA LEU A 175 5.19 -22.40 8.91
C LEU A 175 5.82 -23.53 8.10
N GLY A 176 7.08 -23.40 7.71
CA GLY A 176 7.77 -24.43 6.99
C GLY A 176 7.83 -24.26 5.48
N TYR A 177 7.74 -23.02 4.98
CA TYR A 177 7.79 -22.73 3.54
C TYR A 177 8.93 -21.76 3.25
N PRO A 178 10.18 -22.21 3.36
CA PRO A 178 11.31 -21.28 3.18
C PRO A 178 11.60 -20.93 1.72
N ALA A 179 11.04 -21.65 0.76
CA ALA A 179 11.35 -21.42 -0.65
C ALA A 179 10.48 -20.37 -1.32
N ILE A 180 9.44 -19.87 -0.64
CA ILE A 180 8.60 -18.81 -1.19
C ILE A 180 9.29 -17.47 -0.96
N GLN A 181 9.56 -16.75 -2.05
CA GLN A 181 10.22 -15.44 -1.98
C GLN A 181 9.16 -14.36 -1.78
N VAL A 182 9.19 -13.69 -0.63
CA VAL A 182 8.23 -12.63 -0.31
C VAL A 182 8.82 -11.28 -0.70
N ARG A 183 8.02 -10.47 -1.41
CA ARG A 183 8.44 -9.17 -1.90
C ARG A 183 7.28 -8.20 -1.71
N GLY A 184 7.57 -6.90 -1.77
CA GLY A 184 6.57 -5.88 -1.54
C GLY A 184 6.52 -4.86 -2.65
N LEU A 185 5.31 -4.35 -2.91
CA LEU A 185 5.06 -3.28 -3.87
C LEU A 185 4.15 -2.25 -3.22
N ALA A 186 4.71 -1.10 -2.83
CA ALA A 186 4.00 -0.09 -2.07
C ALA A 186 3.67 1.09 -2.99
N ASP A 187 2.38 1.26 -3.26
CA ASP A 187 1.87 2.31 -4.15
C ASP A 187 1.17 3.39 -3.33
N SER A 188 1.67 4.63 -3.45
CA SER A 188 1.03 5.81 -2.85
C SER A 188 0.92 5.72 -1.33
N GLY A 189 1.94 5.14 -0.70
CA GLY A 189 1.96 5.05 0.75
C GLY A 189 3.23 5.58 1.39
N TRP A 190 3.97 6.42 0.66
CA TRP A 190 5.26 6.95 1.06
C TRP A 190 5.09 8.45 1.35
N PHE A 191 4.91 8.79 2.62
CA PHE A 191 4.56 10.15 3.02
C PHE A 191 5.71 10.82 3.79
N LEU A 192 5.65 12.15 3.82
CA LEU A 192 6.61 12.98 4.53
C LEU A 192 5.92 13.68 5.69
N ASP A 193 6.54 13.66 6.87
CA ASP A 193 6.00 14.37 8.03
C ASP A 193 6.53 15.81 8.04
N ASN A 194 6.11 16.56 7.02
CA ASN A 194 6.60 17.92 6.78
C ASN A 194 5.71 18.95 7.46
N LYS A 195 6.11 20.22 7.37
CA LYS A 195 5.25 21.30 7.84
C LYS A 195 4.11 21.51 6.86
N GLN A 196 2.94 21.84 7.39
CA GLN A 196 1.77 22.10 6.59
C GLN A 196 1.86 23.48 5.95
N TYR A 197 1.12 23.66 4.85
CA TYR A 197 1.13 24.96 4.19
C TYR A 197 0.30 25.97 4.99
N ARG A 198 -0.83 25.53 5.53
CA ARG A 198 -1.61 26.29 6.51
C ARG A 198 -2.00 25.33 7.61
N HIS A 199 -2.19 25.87 8.81
CA HIS A 199 -2.58 25.04 9.94
C HIS A 199 -4.07 24.69 9.90
N ALA A 209 -1.83 18.77 15.26
CA ALA A 209 -0.84 18.31 14.28
C ALA A 209 -1.29 16.99 13.64
N PRO A 210 -1.01 16.83 12.35
CA PRO A 210 -1.54 15.65 11.63
C PRO A 210 -0.99 14.32 12.13
N THR A 211 0.23 14.28 12.67
CA THR A 211 0.76 13.04 13.21
C THR A 211 0.04 12.59 14.47
N GLU A 212 -0.65 13.50 15.17
CA GLU A 212 -1.40 13.12 16.36
C GLU A 212 -2.47 12.09 16.06
N ALA A 213 -3.09 12.16 14.87
CA ALA A 213 -4.11 11.18 14.52
C ALA A 213 -3.55 9.76 14.42
N ILE A 214 -2.28 9.62 14.04
CA ILE A 214 -1.61 8.31 13.95
C ILE A 214 -1.31 7.76 15.32
N ARG A 215 -0.45 8.47 16.04
CA ARG A 215 -0.58 8.52 17.48
C ARG A 215 -1.89 8.08 18.16
N ARG A 216 -3.00 8.83 18.10
CA ARG A 216 -4.29 8.30 18.53
C ARG A 216 -4.65 6.89 18.04
N GLY A 217 -4.49 6.69 16.78
CA GLY A 217 -5.00 5.51 16.16
C GLY A 217 -4.29 4.29 16.68
N ILE A 218 -2.95 4.33 16.72
CA ILE A 218 -2.19 3.18 17.20
C ILE A 218 -2.67 2.73 18.57
N ARG A 219 -2.95 3.69 19.46
CA ARG A 219 -3.44 3.33 20.79
C ARG A 219 -4.86 2.77 20.73
N TYR A 220 -5.71 3.36 19.88
CA TYR A 220 -7.09 2.89 19.75
C TYR A 220 -7.17 1.51 19.11
N TRP A 221 -6.22 1.17 18.23
CA TRP A 221 -6.25 -0.07 17.47
C TRP A 221 -5.43 -1.19 18.08
N ASN A 222 -4.58 -0.90 19.07
CA ASN A 222 -3.47 -1.79 19.44
C ASN A 222 -2.60 -2.07 18.22
N GLY A 223 -2.16 -1.00 17.56
CA GLY A 223 -1.44 -1.15 16.31
C GLY A 223 -0.04 -1.68 16.50
N VAL A 224 0.42 -2.46 15.52
CA VAL A 224 1.73 -3.10 15.56
C VAL A 224 2.56 -2.64 14.36
N VAL A 225 3.85 -2.49 14.58
CA VAL A 225 4.80 -2.05 13.55
C VAL A 225 5.94 -3.07 13.49
N PRO A 226 6.72 -3.05 12.40
CA PRO A 226 7.83 -4.02 12.29
C PRO A 226 8.82 -3.89 13.45
N GLU A 227 9.30 -5.04 13.92
CA GLU A 227 10.10 -5.11 15.15
C GLU A 227 11.38 -4.28 15.08
N ARG A 228 12.13 -4.36 13.97
CA ARG A 228 13.38 -3.61 13.92
C ARG A 228 13.13 -2.11 13.98
N CYS A 229 12.05 -1.64 13.35
CA CYS A 229 11.70 -0.23 13.44
C CYS A 229 11.24 0.13 14.85
N ARG A 230 10.44 -0.73 15.48
CA ARG A 230 10.00 -0.49 16.86
C ARG A 230 11.20 -0.36 17.79
N ARG A 231 12.24 -1.18 17.59
CA ARG A 231 13.39 -1.16 18.47
C ARG A 231 14.18 0.14 18.33
N GLN A 232 14.12 0.77 17.16
CA GLN A 232 14.82 2.04 16.95
C GLN A 232 14.10 3.18 17.67
N PHE A 233 12.78 3.27 17.51
CA PHE A 233 12.02 4.40 18.00
C PHE A 233 11.44 4.20 19.40
N GLN A 234 11.20 2.95 19.82
CA GLN A 234 10.86 2.55 21.19
C GLN A 234 9.46 2.99 21.64
N GLU A 235 9.06 2.72 22.89
CA GLU A 235 7.67 2.92 23.30
C GLU A 235 7.22 4.33 23.00
N GLY A 236 5.94 4.44 22.64
CA GLY A 236 5.28 5.72 22.45
C GLY A 236 5.57 6.38 21.14
N GLU A 237 6.61 5.95 20.42
CA GLU A 237 7.06 6.61 19.21
C GLU A 237 6.86 5.73 17.98
N GLU A 238 5.96 4.74 18.07
CA GLU A 238 5.71 3.83 16.96
C GLU A 238 5.15 4.54 15.72
N TRP A 239 4.57 5.72 15.89
CA TRP A 239 4.04 6.47 14.74
C TRP A 239 5.11 6.72 13.68
N ASN A 240 6.39 6.77 14.08
CA ASN A 240 7.46 7.01 13.12
C ASN A 240 7.50 5.94 12.04
N CYS A 241 7.12 4.71 12.37
CA CYS A 241 7.22 3.59 11.45
C CYS A 241 6.13 3.59 10.38
N PHE A 242 5.16 4.50 10.46
CA PHE A 242 4.18 4.69 9.40
C PHE A 242 4.73 5.55 8.27
N PHE A 243 5.94 6.06 8.39
CA PHE A 243 6.54 6.91 7.38
C PHE A 243 7.63 6.14 6.64
N GLY A 244 7.43 6.00 5.33
CA GLY A 244 8.22 5.06 4.55
C GLY A 244 9.72 5.27 4.66
N TYR A 245 10.16 6.54 4.62
CA TYR A 245 11.59 6.80 4.65
C TYR A 245 12.24 6.39 5.96
N LYS A 246 11.45 6.22 7.03
CA LYS A 246 11.97 5.75 8.31
C LYS A 246 11.88 4.23 8.45
N VAL A 247 10.82 3.61 7.93
CA VAL A 247 10.64 2.18 8.12
C VAL A 247 11.36 1.35 7.04
N TYR A 248 11.44 1.86 5.81
CA TYR A 248 12.09 1.14 4.71
C TYR A 248 13.50 0.64 5.03
N PRO A 249 14.40 1.44 5.63
CA PRO A 249 15.74 0.92 5.92
C PRO A 249 15.79 -0.23 6.92
N THR A 250 14.71 -0.48 7.66
CA THR A 250 14.69 -1.59 8.60
C THR A 250 14.13 -2.88 8.01
N LEU A 251 13.70 -2.89 6.75
CA LEU A 251 13.05 -4.05 6.15
C LEU A 251 14.08 -4.92 5.43
N ARG A 252 13.80 -6.21 5.43
CA ARG A 252 14.70 -7.17 4.82
C ARG A 252 14.21 -7.75 3.49
N SER A 253 12.90 -7.76 3.29
CA SER A 253 12.32 -8.19 2.04
C SER A 253 12.49 -7.10 0.98
N PRO A 254 12.67 -7.50 -0.29
CA PRO A 254 12.74 -6.51 -1.37
C PRO A 254 11.42 -5.76 -1.52
N VAL A 255 11.51 -4.44 -1.66
CA VAL A 255 10.33 -3.57 -1.77
C VAL A 255 10.54 -2.57 -2.90
N PHE A 256 9.56 -2.51 -3.80
CA PHE A 256 9.50 -1.52 -4.88
C PHE A 256 8.52 -0.44 -4.48
N VAL A 257 8.92 0.82 -4.60
CA VAL A 257 8.16 1.97 -4.11
C VAL A 257 7.64 2.78 -5.29
N VAL A 258 6.33 3.00 -5.33
CA VAL A 258 5.69 3.83 -6.34
C VAL A 258 5.05 5.02 -5.62
N GLN A 259 5.41 6.24 -6.04
CA GLN A 259 4.95 7.46 -5.37
C GLN A 259 4.96 8.64 -6.32
N TRP A 260 3.80 9.27 -6.52
CA TRP A 260 3.76 10.55 -7.21
C TRP A 260 4.52 11.59 -6.40
N LEU A 261 5.29 12.44 -7.07
CA LEU A 261 6.03 13.47 -6.35
C LEU A 261 5.11 14.49 -5.68
N PHE A 262 3.93 14.72 -6.26
CA PHE A 262 2.96 15.67 -5.72
C PHE A 262 1.65 14.94 -5.43
N ASP A 263 1.71 14.04 -4.44
CA ASP A 263 0.60 13.15 -4.13
C ASP A 263 -0.57 13.92 -3.51
N GLU A 264 -1.78 13.60 -3.95
CA GLU A 264 -2.96 14.36 -3.53
C GLU A 264 -3.31 14.13 -2.06
N ALA A 265 -3.07 12.92 -1.53
CA ALA A 265 -3.31 12.70 -0.11
C ALA A 265 -2.31 13.45 0.74
N GLN A 266 -1.04 13.47 0.31
CA GLN A 266 -0.02 14.25 1.01
C GLN A 266 -0.41 15.73 1.03
N LEU A 267 -0.84 16.27 -0.11
CA LEU A 267 -1.22 17.68 -0.18
C LEU A 267 -2.49 17.96 0.61
N THR A 268 -3.42 17.01 0.64
CA THR A 268 -4.60 17.17 1.48
C THR A 268 -4.22 17.36 2.94
N VAL A 269 -3.25 16.59 3.44
CA VAL A 269 -3.10 16.68 4.89
C VAL A 269 -2.25 17.92 5.15
N ASP A 270 -1.50 18.37 4.14
CA ASP A 270 -0.73 19.63 4.16
C ASP A 270 -1.62 20.87 3.97
N ASN A 271 -2.92 20.69 3.77
CA ASN A 271 -3.86 21.80 3.60
C ASN A 271 -3.58 22.62 2.35
N VAL A 272 -3.37 21.93 1.24
CA VAL A 272 -3.09 22.57 -0.04
C VAL A 272 -4.16 22.10 -1.02
N HIS A 273 -4.81 23.05 -1.69
CA HIS A 273 -5.92 22.75 -2.60
C HIS A 273 -5.62 23.38 -3.96
N LEU A 274 -5.02 22.58 -4.86
CA LEU A 274 -4.61 23.05 -6.20
C LEU A 274 -5.80 23.02 -7.15
N THR A 275 -6.75 23.92 -6.90
CA THR A 275 -7.92 24.06 -7.74
C THR A 275 -8.07 25.47 -8.32
N GLY A 276 -7.97 26.50 -7.49
CA GLY A 276 -8.01 27.85 -8.03
C GLY A 276 -6.80 28.13 -8.90
N GLN A 277 -7.05 28.81 -10.01
CA GLN A 277 -6.05 29.25 -10.99
C GLN A 277 -4.74 29.90 -10.48
N PRO A 278 -4.73 31.08 -9.86
CA PRO A 278 -3.44 31.73 -9.55
C PRO A 278 -2.71 31.12 -8.35
N VAL A 279 -1.46 30.72 -8.56
CA VAL A 279 -0.56 30.23 -7.51
C VAL A 279 0.51 31.29 -7.25
N GLN A 280 0.56 31.80 -6.02
CA GLN A 280 1.49 32.87 -5.68
C GLN A 280 2.82 32.31 -5.14
N GLU A 281 3.77 33.20 -4.86
CA GLU A 281 5.15 32.78 -4.62
C GLU A 281 5.28 31.80 -3.46
N GLY A 282 4.61 32.08 -2.34
CA GLY A 282 4.75 31.21 -1.18
C GLY A 282 4.34 29.78 -1.47
N LEU A 283 3.23 29.60 -2.18
CA LEU A 283 2.76 28.26 -2.50
C LEU A 283 3.64 27.60 -3.57
N ARG A 284 4.13 28.39 -4.53
N ARG A 284 4.15 28.40 -4.52
CA ARG A 284 5.05 27.84 -5.53
CA ARG A 284 5.05 27.86 -5.53
C ARG A 284 6.27 27.24 -4.84
C ARG A 284 6.30 27.26 -4.88
N LEU A 285 6.89 27.99 -3.93
CA LEU A 285 8.07 27.49 -3.23
C LEU A 285 7.73 26.27 -2.39
N TYR A 286 6.56 26.27 -1.75
CA TYR A 286 6.14 25.11 -0.95
C TYR A 286 6.05 23.86 -1.81
N ILE A 287 5.40 23.97 -2.97
CA ILE A 287 5.21 22.82 -3.85
C ILE A 287 6.55 22.32 -4.39
N GLN A 288 7.42 23.25 -4.79
CA GLN A 288 8.72 22.85 -5.33
C GLN A 288 9.57 22.18 -4.26
N ASN A 289 9.55 22.70 -3.03
CA ASN A 289 10.30 22.07 -1.94
CA ASN A 289 10.30 22.07 -1.94
C ASN A 289 9.77 20.67 -1.63
N LEU A 290 8.46 20.47 -1.70
CA LEU A 290 7.91 19.15 -1.42
C LEU A 290 8.43 18.12 -2.40
N GLY A 291 8.43 18.45 -3.70
CA GLY A 291 8.94 17.53 -4.70
C GLY A 291 10.41 17.21 -4.50
N ARG A 292 11.20 18.23 -4.16
CA ARG A 292 12.63 18.02 -3.94
C ARG A 292 12.87 17.13 -2.72
N GLU A 293 12.10 17.33 -1.66
CA GLU A 293 12.25 16.51 -0.46
C GLU A 293 11.86 15.06 -0.71
N LEU A 294 10.77 14.84 -1.45
N LEU A 294 10.77 14.84 -1.45
CA LEU A 294 10.38 13.48 -1.78
CA LEU A 294 10.40 13.47 -1.82
C LEU A 294 11.42 12.80 -2.67
C LEU A 294 11.50 12.83 -2.66
N ARG A 295 11.96 13.55 -3.64
N ARG A 295 11.98 13.54 -3.68
CA ARG A 295 13.06 13.05 -4.46
CA ARG A 295 13.09 13.05 -4.49
C ARG A 295 14.23 12.60 -3.58
C ARG A 295 14.26 12.62 -3.61
N HIS A 296 14.58 13.42 -2.59
CA HIS A 296 15.71 13.10 -1.73
C HIS A 296 15.50 11.81 -0.95
N THR A 297 14.28 11.58 -0.45
CA THR A 297 14.03 10.37 0.34
C THR A 297 14.13 9.10 -0.49
N LEU A 298 14.07 9.20 -1.81
CA LEU A 298 14.09 8.04 -2.69
C LEU A 298 15.46 7.79 -3.30
N LYS A 299 16.47 8.56 -2.91
CA LYS A 299 17.71 8.56 -3.66
C LYS A 299 18.48 7.27 -3.42
N ASP A 300 18.34 6.67 -2.24
CA ASP A 300 18.92 5.37 -1.91
C ASP A 300 17.88 4.26 -1.91
N VAL A 301 16.82 4.39 -2.70
CA VAL A 301 15.83 3.33 -2.88
C VAL A 301 16.00 2.78 -4.30
N PRO A 302 16.67 1.64 -4.47
CA PRO A 302 17.06 1.22 -5.82
C PRO A 302 15.90 0.78 -6.72
N ALA A 303 14.77 0.36 -6.16
CA ALA A 303 13.60 -0.02 -6.96
C ALA A 303 12.48 0.98 -6.67
N SER A 304 12.26 1.92 -7.58
CA SER A 304 11.28 2.98 -7.34
C SER A 304 10.82 3.60 -8.66
N PHE A 305 9.61 4.16 -8.62
CA PHE A 305 8.97 4.79 -9.77
C PHE A 305 8.24 6.02 -9.24
N ALA A 306 8.75 7.21 -9.53
CA ALA A 306 8.24 8.44 -8.92
C ALA A 306 8.07 9.56 -9.93
N PRO A 307 6.91 9.64 -10.58
CA PRO A 307 6.69 10.68 -11.60
C PRO A 307 6.26 12.01 -11.01
N ALA A 308 6.63 13.08 -11.72
CA ALA A 308 6.33 14.45 -11.29
C ALA A 308 4.90 14.82 -11.72
N CYS A 309 3.94 14.26 -10.99
CA CYS A 309 2.53 14.45 -11.27
C CYS A 309 1.75 14.72 -9.99
N LEU A 310 0.62 15.42 -10.15
CA LEU A 310 -0.35 15.63 -9.08
C LEU A 310 -1.46 14.61 -9.30
N SER A 311 -1.50 13.58 -8.45
CA SER A 311 -2.43 12.46 -8.62
C SER A 311 -2.43 11.62 -7.35
N HIS A 312 -3.18 10.51 -7.36
CA HIS A 312 -3.21 9.61 -6.22
C HIS A 312 -3.58 8.20 -6.64
N GLU A 313 -2.80 7.21 -6.17
CA GLU A 313 -2.91 5.80 -6.54
C GLU A 313 -2.53 5.55 -8.00
N ILE A 314 -2.11 4.33 -8.32
CA ILE A 314 -1.61 4.10 -9.67
C ILE A 314 -1.81 2.68 -10.21
N ILE A 315 -1.80 1.66 -9.35
CA ILE A 315 -1.56 0.31 -9.86
C ILE A 315 -2.80 -0.49 -10.30
N ILE A 316 -3.99 -0.26 -9.73
CA ILE A 316 -5.15 -1.06 -10.15
C ILE A 316 -6.04 -0.31 -11.14
N ARG A 317 -5.61 0.82 -11.68
CA ARG A 317 -6.42 1.48 -12.69
C ARG A 317 -6.07 0.93 -14.07
N SER A 318 -7.08 0.88 -14.95
CA SER A 318 -6.94 0.16 -16.21
C SER A 318 -5.87 0.78 -17.12
N HIS A 319 -5.65 2.09 -17.05
CA HIS A 319 -4.66 2.74 -17.91
C HIS A 319 -3.33 2.97 -17.21
N TRP A 320 -2.88 2.04 -16.37
CA TRP A 320 -1.77 2.31 -15.49
C TRP A 320 -0.48 2.21 -16.28
N THR A 321 -0.59 1.66 -17.49
CA THR A 321 0.51 1.45 -18.43
C THR A 321 0.97 2.73 -19.11
N ASP A 322 0.17 3.79 -19.04
CA ASP A 322 0.41 4.96 -19.89
C ASP A 322 1.57 5.83 -19.39
N VAL A 323 1.71 5.99 -18.08
N VAL A 323 1.76 5.90 -18.07
CA VAL A 323 2.72 6.91 -17.56
CA VAL A 323 2.73 6.82 -17.46
C VAL A 323 4.11 6.31 -17.73
C VAL A 323 4.14 6.29 -17.65
N GLN A 324 5.08 7.19 -17.99
CA GLN A 324 6.47 6.81 -18.20
C GLN A 324 7.38 7.81 -17.49
N VAL A 325 8.50 7.31 -16.98
CA VAL A 325 9.58 8.15 -16.45
C VAL A 325 10.83 7.84 -17.25
N LYS A 326 11.44 8.89 -17.83
CA LYS A 326 12.62 8.72 -18.68
C LYS A 326 12.38 7.70 -19.80
N GLY A 327 11.14 7.61 -20.28
CA GLY A 327 10.79 6.72 -21.37
C GLY A 327 10.43 5.30 -20.98
N THR A 328 10.32 5.00 -19.68
CA THR A 328 10.08 3.64 -19.21
C THR A 328 8.80 3.62 -18.39
N SER A 329 7.90 2.68 -18.72
CA SER A 329 6.63 2.55 -18.03
C SER A 329 6.79 1.76 -16.73
N LEU A 330 5.78 1.86 -15.86
CA LEU A 330 5.81 1.07 -14.62
C LEU A 330 5.79 -0.43 -14.87
N PRO A 331 4.92 -0.99 -15.73
CA PRO A 331 5.02 -2.43 -16.01
C PRO A 331 6.40 -2.87 -16.49
N ARG A 332 7.09 -2.06 -17.30
CA ARG A 332 8.47 -2.38 -17.66
C ARG A 332 9.38 -2.37 -16.45
N ALA A 333 9.31 -1.31 -15.64
CA ALA A 333 10.16 -1.22 -14.46
C ALA A 333 9.99 -2.42 -13.54
N LEU A 334 8.75 -2.87 -13.36
CA LEU A 334 8.49 -4.03 -12.52
C LEU A 334 9.09 -5.31 -13.12
N HIS A 335 8.99 -5.46 -14.45
CA HIS A 335 9.64 -6.58 -15.13
C HIS A 335 11.15 -6.54 -14.94
N CYS A 336 11.76 -5.36 -15.06
CA CYS A 336 13.19 -5.22 -14.79
C CYS A 336 13.53 -5.60 -13.36
N TRP A 337 12.67 -5.27 -12.42
CA TRP A 337 12.89 -5.64 -11.03
C TRP A 337 12.89 -7.15 -10.85
N ASP A 338 11.94 -7.84 -11.50
CA ASP A 338 11.95 -9.31 -11.52
C ASP A 338 13.28 -9.85 -12.02
N ARG A 339 13.79 -9.31 -13.13
CA ARG A 339 15.06 -9.78 -13.68
C ARG A 339 16.20 -9.52 -12.71
N SER A 340 16.20 -8.38 -12.03
CA SER A 340 17.26 -8.05 -11.09
C SER A 340 17.31 -9.02 -9.91
N LEU A 341 16.18 -9.66 -9.60
CA LEU A 341 16.10 -10.57 -8.46
C LEU A 341 16.28 -12.03 -8.84
N HIS A 342 16.58 -12.34 -10.10
CA HIS A 342 17.09 -13.66 -10.46
C HIS A 342 18.39 -13.91 -9.69
N LYS A 349 23.20 -5.90 -7.05
CA LYS A 349 24.09 -6.45 -8.06
C LYS A 349 24.13 -5.56 -9.31
N THR A 350 24.73 -6.07 -10.38
CA THR A 350 24.99 -5.24 -11.55
C THR A 350 23.68 -4.83 -12.24
N PRO A 351 23.57 -3.58 -12.69
CA PRO A 351 22.37 -3.14 -13.40
C PRO A 351 22.26 -3.81 -14.76
N LEU A 352 21.07 -3.69 -15.35
CA LEU A 352 20.73 -4.38 -16.59
C LEU A 352 20.68 -3.40 -17.75
N LYS A 353 21.26 -3.81 -18.88
CA LYS A 353 21.30 -2.98 -20.08
C LYS A 353 19.88 -2.70 -20.57
N GLY A 354 19.54 -1.41 -20.61
CA GLY A 354 18.25 -0.96 -21.14
C GLY A 354 17.03 -1.37 -20.35
N CYS A 355 17.17 -1.81 -19.10
CA CYS A 355 16.04 -2.32 -18.34
C CYS A 355 16.19 -1.78 -16.91
N PRO A 356 15.82 -0.52 -16.69
CA PRO A 356 16.11 0.16 -15.43
C PRO A 356 15.06 -0.10 -14.35
N VAL A 357 15.49 0.08 -13.11
CA VAL A 357 14.62 -0.14 -11.96
C VAL A 357 14.48 1.07 -11.04
N HIS A 358 15.35 2.08 -11.13
CA HIS A 358 15.28 3.30 -10.33
C HIS A 358 14.88 4.44 -11.25
N LEU A 359 13.64 4.93 -11.13
CA LEU A 359 13.07 5.88 -12.08
C LEU A 359 12.38 7.01 -11.31
N VAL A 360 13.07 8.13 -11.13
CA VAL A 360 12.57 9.26 -10.34
C VAL A 360 12.71 10.51 -11.20
N ASP A 361 11.61 11.23 -11.43
CA ASP A 361 11.66 12.46 -12.20
C ASP A 361 12.48 13.53 -11.47
N SER A 362 13.14 14.38 -12.26
CA SER A 362 13.92 15.50 -11.73
C SER A 362 13.31 16.86 -12.04
N CYS A 363 12.31 16.94 -12.90
CA CYS A 363 11.66 18.22 -13.18
C CYS A 363 10.75 18.65 -12.02
N PRO A 364 10.63 19.95 -11.78
CA PRO A 364 10.23 20.44 -10.44
C PRO A 364 8.76 20.86 -10.27
N TRP A 365 7.88 20.65 -11.24
CA TRP A 365 6.49 21.12 -11.16
C TRP A 365 5.49 20.09 -11.67
N PRO A 366 4.29 20.00 -11.04
CA PRO A 366 3.29 19.06 -11.56
C PRO A 366 2.98 19.21 -13.04
N HIS A 367 3.39 18.16 -13.74
CA HIS A 367 2.83 17.59 -14.95
C HIS A 367 3.90 18.03 -15.94
N CYS A 368 5.07 18.39 -15.40
CA CYS A 368 6.25 18.63 -16.23
C CYS A 368 6.67 17.38 -16.98
N ASN A 369 6.15 16.23 -16.56
CA ASN A 369 6.26 14.99 -17.30
C ASN A 369 5.03 14.88 -18.19
N PRO A 370 5.17 14.82 -19.52
CA PRO A 370 3.99 14.87 -20.40
C PRO A 370 3.05 13.69 -20.24
N SER A 371 3.48 12.60 -19.64
CA SER A 371 2.68 11.38 -19.55
C SER A 371 1.81 11.31 -18.30
N CYS A 372 1.72 12.38 -17.52
CA CYS A 372 0.94 12.36 -16.31
C CYS A 372 -0.54 12.13 -16.64
N PRO A 373 -1.31 11.52 -15.73
CA PRO A 373 -2.74 11.33 -15.98
C PRO A 373 -3.44 12.67 -16.12
N THR A 374 -4.41 12.72 -17.03
CA THR A 374 -5.07 13.99 -17.32
C THR A 374 -6.17 14.21 -16.28
S SO4 B . -21.55 1.84 1.85
O1 SO4 B . -20.15 1.41 1.79
O2 SO4 B . -22.41 0.67 2.04
O3 SO4 B . -21.73 2.77 2.96
O4 SO4 B . -21.90 2.51 0.60
C1 NAG C . -8.53 -17.88 14.62
C2 NAG C . -7.80 -19.06 15.30
C3 NAG C . -7.27 -18.66 16.69
C4 NAG C . -6.61 -17.29 16.70
C5 NAG C . -7.45 -16.27 15.95
C6 NAG C . -6.77 -14.94 15.79
C7 NAG C . -8.43 -21.42 14.93
C8 NAG C . -9.48 -22.45 15.15
N2 NAG C . -8.70 -20.20 15.41
O3 NAG C . -6.31 -19.64 17.06
O4 NAG C . -6.46 -16.86 18.04
O5 NAG C . -7.70 -16.76 14.63
O6 NAG C . -5.52 -15.07 15.13
O7 NAG C . -7.39 -21.66 14.34
S SO4 D . -15.05 2.65 22.05
O1 SO4 D . -15.08 2.56 20.59
O2 SO4 D . -14.76 1.34 22.62
O3 SO4 D . -14.02 3.60 22.46
O4 SO4 D . -16.35 3.11 22.52
S SO4 E . 4.40 35.85 -7.72
O1 SO4 E . 3.73 34.71 -8.34
O2 SO4 E . 5.85 35.67 -7.79
O3 SO4 E . 4.03 37.08 -8.43
O4 SO4 E . 3.98 35.95 -6.32
S SO4 F . -14.60 -23.14 -3.22
O1 SO4 F . -14.11 -24.51 -3.02
O2 SO4 F . -13.95 -22.55 -4.38
O3 SO4 F . -14.31 -22.35 -2.03
O4 SO4 F . -16.05 -23.18 -3.44
S SO4 G . 5.26 -18.94 -13.78
O1 SO4 G . 5.28 -19.78 -14.98
O2 SO4 G . 6.48 -18.13 -13.75
O3 SO4 G . 4.10 -18.06 -13.80
O4 SO4 G . 5.22 -19.78 -12.60
C1 EDO H . -11.47 -21.08 -8.19
O1 EDO H . -10.47 -20.54 -7.33
C2 EDO H . -11.57 -20.22 -9.43
O2 EDO H . -10.43 -19.35 -9.48
C1 EDO I . 7.93 -8.75 12.42
O1 EDO I . 7.98 -7.66 13.34
C2 EDO I . 8.82 -8.45 11.22
O2 EDO I . 8.61 -7.10 10.79
C1 EDO J . -1.08 -16.48 16.40
O1 EDO J . -0.01 -16.69 15.48
C2 EDO J . -2.35 -17.10 15.83
O2 EDO J . -3.36 -17.13 16.84
C1 EDO K . 4.10 11.72 -23.58
O1 EDO K . 2.70 12.00 -23.47
C2 EDO K . 4.55 11.91 -25.03
O2 EDO K . 4.95 13.26 -25.25
C1 EDO L . -10.50 -5.51 -7.64
O1 EDO L . -11.83 -5.19 -8.09
C2 EDO L . -9.55 -4.39 -8.02
O2 EDO L . -9.21 -4.52 -9.40
C1 EDO M . 15.31 18.41 -14.74
O1 EDO M . 14.72 17.48 -15.65
C2 EDO M . 14.56 19.73 -14.83
O2 EDO M . 14.87 20.55 -13.69
C10 JFS N . -8.84 13.87 5.24
C13 JFS N . -10.31 15.03 3.19
C15 JFS N . -8.98 15.24 5.17
C01 JFS N . -8.17 10.03 8.77
C02 JFS N . -9.21 10.12 7.85
C03 JFS N . -9.29 11.17 6.95
C04 JFS N . -8.29 12.13 7.01
C05 JFS N . -7.24 12.05 7.94
C06 JFS N . -7.18 10.98 8.82
N07 JFS N . -6.40 13.14 7.78
C08 JFS N . -6.92 13.87 6.83
N09 JFS N . -8.07 13.31 6.30
C11 JFS N . -9.41 13.07 4.28
C12 JFS N . -10.14 13.65 3.24
C14 JFS N . -9.73 15.81 4.16
C16 JFS N . -11.11 15.66 2.08
O17 JFS N . -10.87 15.03 0.83
C10 JFS O . 0.37 12.16 7.60
C13 JFS O . 1.82 14.49 7.26
C15 JFS O . 0.91 12.45 6.37
C01 JFS O . -0.09 6.91 7.29
C02 JFS O . 1.03 7.65 6.91
C03 JFS O . 1.05 9.02 7.02
C04 JFS O . -0.08 9.64 7.54
C05 JFS O . -1.20 8.90 7.93
C06 JFS O . -1.21 7.51 7.81
N07 JFS O . -2.19 9.76 8.42
C08 JFS O . -1.67 10.96 8.34
N09 JFS O . -0.41 10.97 7.81
C11 JFS O . 0.53 13.03 8.66
C12 JFS O . 1.27 14.19 8.49
C14 JFS O . 1.64 13.63 6.21
C16 JFS O . 2.60 15.76 7.09
O17 JFS O . 3.17 16.23 8.30
C10 JFS P . -11.88 12.59 8.88
C13 JFS P . -12.82 9.99 8.91
C15 JFS P . -12.64 12.13 7.83
C01 JFS P . -8.17 16.14 10.08
C02 JFS P . -8.14 14.79 10.40
C03 JFS P . -9.17 13.94 10.05
C04 JFS P . -10.24 14.49 9.36
C05 JFS P . -10.28 15.84 9.02
C06 JFS P . -9.22 16.69 9.38
N07 JFS P . -11.45 16.12 8.33
C08 JFS P . -12.08 14.99 8.23
N09 JFS P . -11.42 13.95 8.84
C11 JFS P . -11.58 11.77 9.95
C12 JFS P . -12.06 10.47 9.96
C14 JFS P . -13.10 10.82 7.84
C16 JFS P . -13.33 8.56 8.92
O17 JFS P . -13.35 8.01 7.61
S DMS Q . -3.50 7.53 4.60
O DMS Q . -3.55 8.42 3.39
C1 DMS Q . -4.81 6.32 4.46
C2 DMS Q . -2.12 6.36 4.44
S DMS R . 14.82 -3.16 0.59
O DMS R . 14.18 -3.45 -0.73
C1 DMS R . 13.53 -2.90 1.84
C2 DMS R . 15.58 -4.68 1.25
S DMS S . -15.71 -5.00 -1.22
O DMS S . -16.63 -3.85 -1.48
C1 DMS S . -15.74 -6.05 -2.68
C2 DMS S . -14.00 -4.43 -1.33
S DMS T . -3.83 30.00 -1.98
O DMS T . -4.93 30.57 -1.18
C1 DMS T . -2.30 30.56 -1.21
C2 DMS T . -3.82 28.27 -1.48
S DMS U . 3.28 -12.80 -17.16
O DMS U . 2.35 -13.27 -16.09
C1 DMS U . 4.99 -12.84 -16.56
C2 DMS U . 3.39 -14.07 -18.45
#